data_6N1A
#
_entry.id   6N1A
#
_cell.length_a   51.584
_cell.length_b   69.186
_cell.length_c   104.325
_cell.angle_alpha   90.000
_cell.angle_beta   90.000
_cell.angle_gamma   90.000
#
_symmetry.space_group_name_H-M   'P 21 21 21'
#
loop_
_entity.id
_entity.type
_entity.pdbx_description
1 polymer 'Carbohydrate-binding protein'
2 non-polymer 'MANGANESE (II) ION'
3 non-polymer 'CALCIUM ION'
4 non-polymer GLYCEROL
5 water water
#
_entity_poly.entity_id   1
_entity_poly.type   'polypeptide(L)'
_entity_poly.pdbx_seq_one_letter_code
;MGSSHHHHHHSSGLVPRGSHMADSSESALNKAPGYQDFPAYYSDSAHADDQVTHPDVVVLEEPWNGYRYWAVYTPNVMRI
SIYENPSIVASSDGVHWVEPEGLSNPIEPQPPSTRYHN(CSD)DADMVYNAEYDAMMAYWNWADDQGGGVGAEVRLRISY
DGVHWGVPVTYDEMTRVWSKPTSDAERQVADGEDDFITAIASPDRYDMLSPTIVYDDFRDVFILWANNTGDVGYQNGQAN
FVEMRYSDDGITWGEPVRVNGFLGLDENGQQLAPWHQDVQYVPDLKEFVCISQCFAGRNPDGSVLHLTTSKDGVNWEQVG
TKPLLSPGPDGSWDDFQIYRSSFYYEPGSSAGDGTMRVWYSALQKDTNNKMVADSSGNLTIQAKSEDDRIWRIGYAENSF
VEMMRVLLDDPGYTTPALVSGNSLMLSAETTSLPTGDVMKLETSFAPVDTSDQVVKYTSSDPDVATVDEFGTITGVSVGS
ARIMAETREGLSDDLEIAVVENPYTLI
;
_entity_poly.pdbx_strand_id   A
#
loop_
_chem_comp.id
_chem_comp.type
_chem_comp.name
_chem_comp.formula
CA non-polymer 'CALCIUM ION' 'Ca 2'
GOL non-polymer GLYCEROL 'C3 H8 O3'
MN non-polymer 'MANGANESE (II) ION' 'Mn 2'
#
# COMPACT_ATOMS: atom_id res chain seq x y z
N SER A 27 -17.99 -10.43 12.12
CA SER A 27 -16.66 -10.08 11.56
C SER A 27 -16.48 -8.58 11.51
N ALA A 28 -15.29 -8.06 11.79
CA ALA A 28 -15.10 -6.59 11.69
C ALA A 28 -15.24 -6.16 10.23
N LEU A 29 -14.71 -6.97 9.29
CA LEU A 29 -14.90 -6.77 7.83
C LEU A 29 -15.43 -8.07 7.23
N ASN A 30 -16.23 -7.93 6.22
CA ASN A 30 -16.70 -9.07 5.47
C ASN A 30 -15.85 -9.28 4.22
N LYS A 31 -15.12 -10.39 4.14
CA LYS A 31 -14.27 -10.67 2.99
C LYS A 31 -15.13 -11.11 1.82
N ALA A 32 -14.84 -10.60 0.65
CA ALA A 32 -15.48 -11.09 -0.59
C ALA A 32 -14.86 -12.44 -0.91
N PRO A 33 -15.67 -13.41 -1.37
CA PRO A 33 -15.02 -14.69 -1.78
C PRO A 33 -14.05 -14.45 -2.95
N GLY A 34 -12.95 -15.28 -3.06
CA GLY A 34 -12.07 -15.29 -4.17
C GLY A 34 -11.22 -14.04 -3.89
N TYR A 35 -10.71 -13.50 -4.97
CA TYR A 35 -9.80 -12.37 -4.90
C TYR A 35 -9.89 -11.60 -6.20
N GLN A 36 -9.11 -10.54 -6.35
CA GLN A 36 -9.28 -9.66 -7.50
C GLN A 36 -8.21 -9.95 -8.51
N ASP A 37 -8.57 -9.83 -9.77
CA ASP A 37 -7.58 -10.16 -10.83
CA ASP A 37 -7.64 -10.19 -10.86
C ASP A 37 -6.71 -8.98 -11.17
N PHE A 38 -5.46 -8.95 -10.70
CA PHE A 38 -4.51 -7.99 -11.10
C PHE A 38 -3.54 -8.63 -12.04
N PRO A 39 -3.16 -7.97 -13.09
CA PRO A 39 -2.17 -8.57 -13.99
C PRO A 39 -0.76 -8.36 -13.52
N ALA A 40 0.10 -9.34 -13.74
CA ALA A 40 1.50 -9.18 -13.46
C ALA A 40 2.27 -9.44 -14.75
N TYR A 41 3.31 -8.66 -14.97
CA TYR A 41 4.00 -8.68 -16.26
C TYR A 41 4.93 -9.89 -16.40
N TYR A 42 5.38 -10.49 -15.31
CA TYR A 42 6.45 -11.46 -15.32
C TYR A 42 5.99 -12.78 -15.92
N SER A 43 6.96 -13.50 -16.47
CA SER A 43 6.71 -14.84 -16.97
C SER A 43 7.87 -15.71 -16.49
N ASP A 44 7.58 -16.66 -15.62
CA ASP A 44 8.64 -17.46 -14.95
C ASP A 44 8.05 -18.84 -14.73
N SER A 45 8.69 -19.87 -15.31
CA SER A 45 8.13 -21.20 -15.30
C SER A 45 8.00 -21.81 -13.94
N ALA A 46 8.82 -21.39 -12.99
CA ALA A 46 8.83 -21.91 -11.64
C ALA A 46 7.78 -21.26 -10.73
N HIS A 47 7.00 -20.30 -11.28
CA HIS A 47 6.01 -19.57 -10.43
C HIS A 47 4.73 -19.39 -11.15
N ALA A 48 3.60 -19.52 -10.40
CA ALA A 48 2.29 -19.23 -10.97
C ALA A 48 2.21 -17.72 -11.33
N ASP A 49 1.49 -17.48 -12.39
CA ASP A 49 1.31 -16.13 -12.95
C ASP A 49 0.47 -15.22 -12.02
N ASP A 50 0.61 -13.93 -12.23
CA ASP A 50 -0.29 -12.92 -11.65
C ASP A 50 -0.37 -12.94 -10.12
N GLN A 51 0.76 -13.29 -9.50
CA GLN A 51 0.97 -13.09 -8.10
C GLN A 51 1.35 -11.61 -7.82
N VAL A 52 0.63 -11.03 -6.83
CA VAL A 52 0.65 -9.61 -6.58
C VAL A 52 0.48 -9.33 -5.08
N THR A 53 1.00 -8.18 -4.65
CA THR A 53 0.90 -7.77 -3.25
C THR A 53 0.87 -6.23 -3.14
N HIS A 54 0.50 -5.75 -1.96
CA HIS A 54 0.72 -4.34 -1.58
C HIS A 54 0.02 -3.38 -2.54
N PRO A 55 -1.31 -3.52 -2.64
CA PRO A 55 -2.01 -2.57 -3.47
C PRO A 55 -2.05 -1.22 -2.72
N ASP A 56 -2.25 -0.16 -3.52
CA ASP A 56 -2.66 1.12 -3.02
C ASP A 56 -3.64 1.74 -3.98
N VAL A 57 -4.85 1.97 -3.45
CA VAL A 57 -5.97 2.37 -4.29
C VAL A 57 -6.28 3.84 -4.03
N VAL A 58 -6.55 4.57 -5.10
CA VAL A 58 -7.10 5.94 -5.06
C VAL A 58 -8.51 5.94 -5.64
N VAL A 59 -9.47 6.41 -4.83
CA VAL A 59 -10.87 6.51 -5.24
C VAL A 59 -11.22 7.94 -5.38
N LEU A 60 -11.70 8.32 -6.57
CA LEU A 60 -11.99 9.73 -6.83
C LEU A 60 -13.52 9.90 -7.01
N GLU A 61 -13.91 11.14 -6.79
CA GLU A 61 -15.30 11.66 -6.92
C GLU A 61 -15.75 11.67 -8.39
N GLU A 62 -14.81 12.04 -9.24
CA GLU A 62 -15.02 12.19 -10.71
C GLU A 62 -13.88 11.51 -11.41
N PRO A 63 -14.13 10.95 -12.60
CA PRO A 63 -13.09 10.19 -13.33
C PRO A 63 -11.88 11.03 -13.69
N TRP A 64 -10.72 10.40 -13.59
CA TRP A 64 -9.48 10.99 -13.99
C TRP A 64 -8.99 10.09 -15.10
N ASN A 65 -8.76 10.68 -16.28
CA ASN A 65 -8.35 9.96 -17.47
C ASN A 65 -9.22 8.74 -17.71
N GLY A 66 -10.51 8.96 -17.52
CA GLY A 66 -11.48 7.92 -17.87
C GLY A 66 -11.96 7.02 -16.76
N TYR A 67 -11.36 7.08 -15.57
CA TYR A 67 -11.66 6.14 -14.45
C TYR A 67 -11.66 6.80 -13.10
N ARG A 68 -12.61 6.41 -12.24
CA ARG A 68 -12.66 6.88 -10.88
C ARG A 68 -11.74 6.12 -9.91
N TYR A 69 -11.29 4.92 -10.26
CA TYR A 69 -10.40 4.14 -9.39
C TYR A 69 -9.07 3.92 -10.10
N TRP A 70 -7.98 4.16 -9.35
CA TRP A 70 -6.63 3.96 -9.89
C TRP A 70 -5.90 3.20 -8.82
N ALA A 71 -5.09 2.22 -9.18
CA ALA A 71 -4.33 1.49 -8.16
C ALA A 71 -2.90 1.30 -8.62
N VAL A 72 -1.94 1.35 -7.68
CA VAL A 72 -0.56 0.94 -7.89
C VAL A 72 -0.37 -0.33 -7.02
N TYR A 73 0.47 -1.21 -7.50
CA TYR A 73 0.66 -2.49 -6.84
C TYR A 73 2.02 -3.06 -7.32
N THR A 74 2.47 -4.15 -6.71
CA THR A 74 3.68 -4.80 -7.18
C THR A 74 3.41 -6.30 -7.36
N PRO A 75 3.74 -6.87 -8.53
CA PRO A 75 3.90 -8.34 -8.55
C PRO A 75 4.82 -8.83 -7.51
N ASN A 76 4.73 -10.07 -7.07
CA ASN A 76 5.75 -10.67 -6.23
C ASN A 76 5.60 -12.19 -6.20
N VAL A 77 6.73 -12.89 -6.06
CA VAL A 77 6.72 -14.33 -5.88
C VAL A 77 7.73 -14.61 -4.80
N MET A 78 7.65 -15.84 -4.26
CA MET A 78 8.69 -16.33 -3.38
C MET A 78 10.02 -16.50 -4.12
N ARG A 79 11.09 -16.31 -3.34
CA ARG A 79 12.48 -16.70 -3.71
C ARG A 79 13.16 -15.64 -4.59
N ILE A 80 12.43 -14.83 -5.35
CA ILE A 80 13.06 -13.82 -6.15
C ILE A 80 12.24 -12.56 -6.05
N SER A 81 12.93 -11.44 -5.78
CA SER A 81 12.25 -10.15 -5.66
CA SER A 81 12.29 -10.14 -5.65
C SER A 81 12.37 -9.22 -6.86
N ILE A 82 12.97 -9.69 -7.93
CA ILE A 82 13.27 -8.89 -9.09
C ILE A 82 12.05 -8.47 -9.87
N TYR A 83 10.89 -9.12 -9.61
CA TYR A 83 9.65 -8.82 -10.36
C TYR A 83 8.81 -7.82 -9.59
N GLU A 84 9.26 -7.38 -8.41
CA GLU A 84 8.44 -6.61 -7.48
C GLU A 84 8.42 -5.10 -7.83
N ASN A 85 7.88 -4.84 -9.02
CA ASN A 85 8.06 -3.49 -9.66
C ASN A 85 6.73 -2.80 -9.83
N PRO A 86 6.65 -1.57 -9.32
CA PRO A 86 5.36 -0.78 -9.40
C PRO A 86 4.69 -0.85 -10.71
N SER A 87 3.41 -1.19 -10.68
CA SER A 87 2.53 -1.36 -11.81
C SER A 87 1.23 -0.63 -11.56
N ILE A 88 0.55 -0.25 -12.65
CA ILE A 88 -0.67 0.56 -12.57
C ILE A 88 -1.84 -0.18 -13.23
N VAL A 89 -2.99 -0.08 -12.59
CA VAL A 89 -4.27 -0.44 -13.24
C VAL A 89 -5.32 0.61 -12.85
N ALA A 90 -6.45 0.56 -13.54
CA ALA A 90 -7.53 1.46 -13.31
C ALA A 90 -8.86 0.69 -13.44
N SER A 91 -9.96 1.26 -12.88
CA SER A 91 -11.18 0.50 -12.84
C SER A 91 -12.35 1.53 -12.76
N SER A 92 -13.52 1.12 -13.24
CA SER A 92 -14.73 1.86 -13.01
C SER A 92 -15.47 1.38 -11.78
N ASP A 93 -15.02 0.33 -11.11
CA ASP A 93 -15.81 -0.14 -9.98
C ASP A 93 -14.99 -0.65 -8.77
N GLY A 94 -13.68 -0.61 -8.87
CA GLY A 94 -12.82 -1.17 -7.81
C GLY A 94 -12.71 -2.64 -7.73
N VAL A 95 -13.15 -3.34 -8.79
CA VAL A 95 -13.18 -4.77 -8.83
C VAL A 95 -12.51 -5.29 -10.09
N HIS A 96 -12.94 -4.79 -11.22
CA HIS A 96 -12.43 -5.25 -12.50
C HIS A 96 -11.39 -4.27 -12.99
N TRP A 97 -10.14 -4.64 -12.81
CA TRP A 97 -9.02 -3.73 -13.11
C TRP A 97 -8.50 -3.97 -14.54
N VAL A 98 -8.12 -2.88 -15.19
CA VAL A 98 -7.54 -2.95 -16.54
C VAL A 98 -6.31 -2.08 -16.60
N GLU A 99 -5.41 -2.41 -17.52
CA GLU A 99 -4.30 -1.55 -17.86
C GLU A 99 -4.78 -0.51 -18.84
N PRO A 100 -4.67 0.78 -18.49
CA PRO A 100 -5.14 1.78 -19.45
C PRO A 100 -4.46 1.67 -20.83
N GLU A 101 -5.21 2.05 -21.85
CA GLU A 101 -4.71 1.85 -23.20
C GLU A 101 -3.43 2.65 -23.40
N GLY A 102 -2.41 2.00 -23.88
CA GLY A 102 -1.11 2.61 -24.12
C GLY A 102 -0.11 2.49 -22.96
N LEU A 103 -0.58 2.06 -21.77
CA LEU A 103 0.35 1.82 -20.68
C LEU A 103 1.03 0.46 -20.79
N SER A 104 2.29 0.45 -20.46
CA SER A 104 3.08 -0.77 -20.40
C SER A 104 3.68 -0.98 -18.98
N ASN A 105 3.16 -1.97 -18.27
CA ASN A 105 3.69 -2.28 -16.93
C ASN A 105 4.95 -3.13 -17.03
N PRO A 106 5.84 -3.02 -16.04
CA PRO A 106 5.71 -2.13 -14.88
C PRO A 106 6.06 -0.70 -15.22
N ILE A 107 5.61 0.27 -14.43
CA ILE A 107 6.01 1.64 -14.66
C ILE A 107 7.43 2.03 -14.20
N GLU A 108 8.04 1.24 -13.35
CA GLU A 108 9.42 1.34 -12.95
C GLU A 108 10.02 0.00 -13.39
N PRO A 109 11.12 0.06 -14.14
CA PRO A 109 11.61 -1.22 -14.72
C PRO A 109 12.15 -2.23 -13.73
N GLN A 110 12.24 -3.46 -14.19
CA GLN A 110 12.91 -4.49 -13.44
C GLN A 110 14.34 -4.12 -13.20
N PRO A 111 14.87 -4.28 -11.97
CA PRO A 111 16.27 -3.96 -11.75
C PRO A 111 17.23 -4.87 -12.58
N PRO A 112 18.46 -4.37 -12.75
CA PRO A 112 19.42 -5.14 -13.60
C PRO A 112 19.94 -6.41 -12.96
N SER A 113 19.85 -6.57 -11.64
CA SER A 113 20.23 -7.79 -10.98
C SER A 113 19.44 -8.02 -9.70
N THR A 114 19.57 -9.21 -9.14
CA THR A 114 18.91 -9.53 -7.89
C THR A 114 19.51 -8.80 -6.69
N ARG A 115 20.54 -8.02 -6.84
CA ARG A 115 21.08 -7.27 -5.72
C ARG A 115 20.08 -6.20 -5.20
N TYR A 116 19.21 -5.75 -6.09
CA TYR A 116 18.29 -4.61 -5.83
C TYR A 116 16.87 -5.13 -5.93
N HIS A 117 15.95 -4.48 -5.21
CA HIS A 117 14.57 -4.76 -5.47
C HIS A 117 13.71 -3.55 -5.10
N ASN A 118 12.59 -3.48 -5.79
CA ASN A 118 11.57 -2.44 -5.50
C ASN A 118 10.49 -3.08 -4.61
N CSD A 119 9.68 -2.22 -4.00
CA CSD A 119 8.69 -2.67 -2.97
CB CSD A 119 9.42 -3.00 -1.63
SG CSD A 119 9.27 -4.73 -1.14
C CSD A 119 7.77 -1.52 -2.64
O CSD A 119 8.09 -0.33 -2.88
OD1 CSD A 119 7.92 -4.77 -0.53
OD2 CSD A 119 10.28 -4.79 0.04
N ASP A 120 6.60 -1.81 -2.13
CA ASP A 120 5.86 -0.86 -1.31
C ASP A 120 5.32 0.39 -2.00
N ALA A 121 4.55 0.19 -3.02
CA ALA A 121 4.00 1.34 -3.74
C ALA A 121 2.83 1.99 -3.00
N ASP A 122 2.71 3.32 -3.11
CA ASP A 122 1.61 4.08 -2.50
C ASP A 122 1.41 5.26 -3.43
N MET A 123 0.16 5.62 -3.71
CA MET A 123 -0.17 6.66 -4.70
C MET A 123 -1.15 7.66 -4.14
N VAL A 124 -0.93 8.92 -4.46
CA VAL A 124 -1.84 10.00 -4.06
CA VAL A 124 -1.84 10.01 -4.05
C VAL A 124 -2.26 10.82 -5.26
N TYR A 125 -3.50 11.30 -5.23
CA TYR A 125 -3.99 12.23 -6.21
C TYR A 125 -3.67 13.64 -5.75
N ASN A 126 -3.00 14.42 -6.59
CA ASN A 126 -2.66 15.82 -6.33
C ASN A 126 -3.70 16.64 -7.07
N ALA A 127 -4.63 17.21 -6.33
CA ALA A 127 -5.75 17.99 -6.90
C ALA A 127 -5.23 19.27 -7.55
N GLU A 128 -4.25 19.94 -6.95
CA GLU A 128 -3.76 21.18 -7.46
C GLU A 128 -3.14 21.04 -8.86
N TYR A 129 -2.49 19.91 -9.11
CA TYR A 129 -1.84 19.65 -10.41
C TYR A 129 -2.65 18.69 -11.27
N ASP A 130 -3.75 18.21 -10.72
CA ASP A 130 -4.60 17.22 -11.44
C ASP A 130 -3.73 16.01 -11.94
N ALA A 131 -2.94 15.44 -11.03
CA ALA A 131 -1.91 14.45 -11.38
C ALA A 131 -1.83 13.41 -10.27
N MET A 132 -1.49 12.19 -10.63
CA MET A 132 -1.18 11.19 -9.66
C MET A 132 0.32 11.16 -9.33
N MET A 133 0.63 10.90 -8.06
CA MET A 133 2.00 10.80 -7.55
C MET A 133 2.19 9.37 -6.98
N ALA A 134 3.02 8.55 -7.64
CA ALA A 134 3.21 7.17 -7.22
C ALA A 134 4.59 7.08 -6.62
N TYR A 135 4.63 6.65 -5.37
CA TYR A 135 5.87 6.45 -4.60
C TYR A 135 6.16 4.96 -4.47
N TRP A 136 7.43 4.63 -4.22
CA TRP A 136 7.80 3.28 -3.84
C TRP A 136 9.12 3.27 -3.18
N ASN A 137 9.49 2.10 -2.66
CA ASN A 137 10.77 1.96 -1.96
C ASN A 137 11.71 1.13 -2.84
N TRP A 138 12.93 1.61 -3.03
CA TRP A 138 13.97 0.90 -3.74
C TRP A 138 15.11 0.58 -2.76
N ALA A 139 15.59 -0.66 -2.78
CA ALA A 139 16.68 -1.01 -1.88
C ALA A 139 17.84 -1.67 -2.63
N ASP A 140 19.04 -1.31 -2.21
CA ASP A 140 20.26 -2.10 -2.45
C ASP A 140 20.32 -3.12 -1.29
N ASP A 141 19.99 -4.37 -1.54
CA ASP A 141 19.92 -5.35 -0.50
C ASP A 141 21.28 -5.82 0.05
N GLN A 142 22.36 -5.38 -0.59
CA GLN A 142 23.67 -5.82 -0.15
C GLN A 142 24.07 -5.10 1.11
N GLY A 143 24.41 -5.88 2.14
CA GLY A 143 25.03 -5.33 3.32
C GLY A 143 26.26 -4.49 3.05
N GLY A 144 26.28 -3.28 3.58
CA GLY A 144 27.37 -2.31 3.31
C GLY A 144 27.25 -1.56 1.98
N GLY A 145 26.15 -1.78 1.26
CA GLY A 145 25.77 -1.07 0.06
C GLY A 145 25.30 0.36 0.32
N VAL A 146 24.59 0.91 -0.65
CA VAL A 146 24.18 2.28 -0.63
C VAL A 146 22.90 2.56 0.13
N GLY A 147 22.22 1.52 0.57
CA GLY A 147 21.04 1.74 1.42
C GLY A 147 19.76 1.64 0.56
N ALA A 148 18.88 2.62 0.75
CA ALA A 148 17.57 2.57 0.04
C ALA A 148 17.11 4.00 -0.23
N GLU A 149 16.07 4.07 -1.05
CA GLU A 149 15.46 5.36 -1.42
C GLU A 149 13.94 5.17 -1.47
N VAL A 150 13.21 6.27 -1.19
CA VAL A 150 11.79 6.35 -1.61
C VAL A 150 11.84 7.14 -2.90
N ARG A 151 11.26 6.60 -3.96
CA ARG A 151 11.28 7.15 -5.28
C ARG A 151 9.83 7.50 -5.71
N LEU A 152 9.71 8.29 -6.75
CA LEU A 152 8.49 8.93 -7.18
C LEU A 152 8.40 9.08 -8.69
N ARG A 153 7.27 8.66 -9.24
CA ARG A 153 6.91 8.93 -10.65
C ARG A 153 5.53 9.56 -10.62
N ILE A 154 5.36 10.57 -11.47
CA ILE A 154 4.10 11.34 -11.59
C ILE A 154 3.48 11.16 -12.95
N SER A 155 2.16 11.21 -12.98
CA SER A 155 1.45 11.13 -14.24
C SER A 155 0.28 12.12 -14.33
N TYR A 156 0.20 12.73 -15.51
CA TYR A 156 -0.93 13.56 -15.91
C TYR A 156 -2.04 12.84 -16.66
N ASP A 157 -1.66 11.83 -17.44
CA ASP A 157 -2.55 11.20 -18.41
C ASP A 157 -2.89 9.77 -18.04
N GLY A 158 -2.30 9.22 -16.99
CA GLY A 158 -2.55 7.83 -16.61
C GLY A 158 -1.76 6.74 -17.29
N VAL A 159 -1.08 7.12 -18.37
CA VAL A 159 -0.35 6.22 -19.25
C VAL A 159 1.13 6.38 -19.09
N HIS A 160 1.65 7.63 -19.01
CA HIS A 160 3.04 7.91 -18.93
C HIS A 160 3.37 8.40 -17.49
N TRP A 161 4.27 7.69 -16.81
CA TRP A 161 4.59 7.89 -15.42
C TRP A 161 6.08 8.24 -15.29
N GLY A 162 6.39 9.43 -14.82
CA GLY A 162 7.79 9.84 -14.70
C GLY A 162 7.99 11.19 -14.11
N VAL A 163 8.84 11.99 -14.76
CA VAL A 163 9.28 13.27 -14.20
C VAL A 163 8.61 14.39 -15.04
N PRO A 164 7.79 15.22 -14.40
CA PRO A 164 7.13 16.31 -15.16
C PRO A 164 8.13 17.19 -15.93
N VAL A 165 7.67 17.63 -17.08
CA VAL A 165 8.58 18.44 -17.91
C VAL A 165 8.73 19.81 -17.31
N THR A 166 7.83 20.25 -16.39
CA THR A 166 7.99 21.52 -15.66
C THR A 166 8.59 21.34 -14.26
N TYR A 167 9.16 20.15 -13.97
CA TYR A 167 9.95 19.94 -12.76
C TYR A 167 11.41 20.27 -13.08
N ASP A 168 11.99 21.13 -12.23
CA ASP A 168 13.34 21.55 -12.40
C ASP A 168 14.16 20.72 -11.40
N GLU A 169 15.01 19.87 -11.93
CA GLU A 169 15.82 18.96 -11.06
C GLU A 169 16.86 19.71 -10.24
N MET A 170 17.16 20.93 -10.66
CA MET A 170 18.13 21.72 -9.89
C MET A 170 17.58 22.37 -8.65
N THR A 171 16.32 22.79 -8.66
CA THR A 171 15.70 23.47 -7.54
C THR A 171 14.75 22.49 -6.82
N ARG A 172 14.43 21.39 -7.47
CA ARG A 172 13.38 20.40 -7.02
C ARG A 172 11.98 21.01 -6.98
N VAL A 173 11.74 22.08 -7.76
CA VAL A 173 10.42 22.71 -7.87
C VAL A 173 9.61 22.15 -9.03
N TRP A 174 8.43 21.62 -8.70
CA TRP A 174 7.44 21.26 -9.70
C TRP A 174 6.59 22.45 -9.99
N SER A 175 6.83 23.12 -11.12
CA SER A 175 6.04 24.31 -11.50
C SER A 175 4.74 23.86 -12.09
N LYS A 176 3.65 24.56 -11.75
CA LYS A 176 2.35 24.15 -12.29
C LYS A 176 2.33 24.38 -13.80
N PRO A 177 1.84 23.39 -14.56
CA PRO A 177 1.69 23.62 -15.98
C PRO A 177 0.77 24.81 -16.31
N THR A 178 1.13 25.55 -17.33
CA THR A 178 0.37 26.68 -17.80
C THR A 178 -0.32 26.42 -19.10
N SER A 179 -0.19 25.22 -19.61
CA SER A 179 -0.84 24.78 -20.85
C SER A 179 -0.99 23.32 -20.82
N ASP A 180 -1.89 22.80 -21.65
CA ASP A 180 -1.97 21.37 -21.85
C ASP A 180 -0.67 20.72 -22.31
N ALA A 181 0.11 21.38 -23.20
CA ALA A 181 1.32 20.77 -23.66
C ALA A 181 2.34 20.65 -22.53
N GLU A 182 2.21 21.44 -21.46
CA GLU A 182 3.13 21.27 -20.33
C GLU A 182 2.70 20.15 -19.37
N ARG A 183 1.52 19.56 -19.61
CA ARG A 183 1.07 18.38 -18.82
C ARG A 183 1.57 17.13 -19.44
N GLN A 184 2.89 17.03 -19.48
CA GLN A 184 3.63 15.85 -19.95
C GLN A 184 4.75 15.51 -18.97
N VAL A 185 5.24 14.29 -19.08
CA VAL A 185 6.38 13.80 -18.35
C VAL A 185 7.41 13.15 -19.29
N ALA A 186 8.61 13.00 -18.75
CA ALA A 186 9.59 12.09 -19.30
C ALA A 186 9.38 10.74 -18.53
N ASP A 187 9.21 9.64 -19.25
CA ASP A 187 8.88 8.36 -18.60
C ASP A 187 9.83 7.27 -18.97
N GLY A 188 11.09 7.59 -19.25
CA GLY A 188 12.10 6.56 -19.46
C GLY A 188 12.48 5.82 -18.19
N GLU A 189 13.40 4.88 -18.36
CA GLU A 189 13.83 4.00 -17.31
C GLU A 189 14.41 4.71 -16.14
N ASP A 190 15.13 5.83 -16.37
CA ASP A 190 15.78 6.62 -15.33
C ASP A 190 14.96 7.81 -14.84
N ASP A 191 13.73 7.97 -15.35
CA ASP A 191 12.95 9.17 -15.12
C ASP A 191 12.08 8.96 -13.88
N PHE A 192 12.72 9.04 -12.74
CA PHE A 192 12.05 9.11 -11.45
C PHE A 192 12.73 10.18 -10.62
N ILE A 193 12.04 10.60 -9.57
CA ILE A 193 12.61 11.51 -8.54
C ILE A 193 12.96 10.69 -7.33
N THR A 194 14.13 10.98 -6.73
CA THR A 194 14.46 10.43 -5.42
C THR A 194 13.87 11.37 -4.41
N ALA A 195 12.85 10.95 -3.68
CA ALA A 195 12.24 11.75 -2.63
C ALA A 195 13.03 11.71 -1.36
N ILE A 196 13.53 10.57 -0.95
CA ILE A 196 14.24 10.35 0.29
C ILE A 196 15.30 9.29 0.08
N ALA A 197 16.49 9.54 0.67
CA ALA A 197 17.55 8.50 0.67
C ALA A 197 18.00 8.19 2.10
N SER A 198 18.29 6.93 2.36
CA SER A 198 18.89 6.51 3.63
C SER A 198 20.03 5.56 3.45
N PRO A 199 21.03 5.65 4.33
CA PRO A 199 22.09 4.68 4.16
C PRO A 199 21.83 3.27 4.70
N ASP A 200 20.79 3.10 5.52
CA ASP A 200 20.35 1.78 5.98
C ASP A 200 19.39 1.24 4.94
N ARG A 201 19.30 -0.07 4.90
CA ARG A 201 18.45 -0.71 3.87
C ARG A 201 16.92 -0.66 4.12
N TYR A 202 16.49 -0.70 5.39
CA TYR A 202 15.11 -1.13 5.69
C TYR A 202 14.46 -0.19 6.73
N ASP A 203 14.81 1.07 6.67
CA ASP A 203 14.33 2.02 7.67
C ASP A 203 13.25 2.99 7.18
N MET A 204 12.69 2.72 6.01
CA MET A 204 11.58 3.47 5.48
C MET A 204 10.62 2.53 4.73
N LEU A 205 10.19 1.46 5.39
CA LEU A 205 9.29 0.49 4.69
C LEU A 205 7.85 1.01 4.60
N SER A 206 7.17 0.57 3.54
CA SER A 206 5.77 0.91 3.33
C SER A 206 5.43 2.39 3.51
N PRO A 207 6.10 3.26 2.75
CA PRO A 207 5.76 4.70 2.82
C PRO A 207 4.29 4.90 2.43
N THR A 208 3.59 5.71 3.21
CA THR A 208 2.25 6.00 2.92
C THR A 208 2.03 7.51 3.07
N ILE A 209 1.44 8.11 2.09
CA ILE A 209 1.42 9.56 1.96
C ILE A 209 -0.01 10.09 1.98
N VAL A 210 -0.23 11.19 2.72
CA VAL A 210 -1.53 11.89 2.71
C VAL A 210 -1.26 13.40 2.64
N TYR A 211 -2.11 14.14 1.89
CA TYR A 211 -2.08 15.60 1.95
C TYR A 211 -3.05 16.00 3.06
N ASP A 212 -2.51 16.73 4.05
CA ASP A 212 -3.25 17.29 5.16
C ASP A 212 -3.66 18.70 4.67
N ASP A 213 -4.93 18.83 4.31
CA ASP A 213 -5.48 20.09 3.79
C ASP A 213 -5.82 21.10 4.89
N PHE A 214 -5.60 20.79 6.17
CA PHE A 214 -5.80 21.77 7.25
C PHE A 214 -4.48 22.58 7.37
N ARG A 215 -3.42 21.88 7.75
CA ARG A 215 -2.10 22.47 7.91
CA ARG A 215 -2.13 22.53 7.89
C ARG A 215 -1.46 22.79 6.52
N ASP A 216 -1.96 22.17 5.45
CA ASP A 216 -1.44 22.32 4.10
C ASP A 216 -0.02 21.81 3.94
N VAL A 217 0.10 20.48 4.10
CA VAL A 217 1.39 19.83 4.09
C VAL A 217 1.16 18.37 3.67
N PHE A 218 2.14 17.83 2.93
CA PHE A 218 2.13 16.37 2.68
C PHE A 218 2.82 15.68 3.87
N ILE A 219 2.30 14.52 4.23
CA ILE A 219 2.82 13.71 5.35
C ILE A 219 3.11 12.32 4.77
N LEU A 220 4.27 11.78 5.18
CA LEU A 220 4.68 10.41 4.80
C LEU A 220 4.99 9.66 6.08
N TRP A 221 4.35 8.52 6.25
CA TRP A 221 4.65 7.63 7.33
C TRP A 221 5.34 6.40 6.79
N ALA A 222 6.30 5.88 7.54
CA ALA A 222 7.02 4.71 7.10
C ALA A 222 7.48 3.93 8.31
N ASN A 223 7.78 2.65 8.13
CA ASN A 223 8.22 1.81 9.24
C ASN A 223 9.74 1.59 9.25
N ASN A 224 10.33 1.98 10.38
CA ASN A 224 11.80 1.94 10.56
C ASN A 224 12.21 0.61 11.18
N THR A 225 12.74 -0.28 10.32
CA THR A 225 13.22 -1.60 10.75
C THR A 225 14.74 -1.59 10.67
N GLY A 226 15.33 -0.40 10.73
CA GLY A 226 16.78 -0.24 10.75
C GLY A 226 17.44 -0.82 9.50
N ASP A 227 18.60 -1.47 9.69
CA ASP A 227 19.22 -2.20 8.65
C ASP A 227 18.91 -3.67 8.72
N VAL A 228 17.85 -4.07 9.42
CA VAL A 228 17.56 -5.49 9.67
C VAL A 228 16.37 -6.02 8.85
N GLY A 229 15.19 -5.33 8.86
CA GLY A 229 14.06 -5.82 8.06
C GLY A 229 13.10 -6.77 8.77
N TYR A 230 12.76 -7.88 8.11
CA TYR A 230 11.66 -8.73 8.60
C TYR A 230 11.84 -9.28 9.99
N GLN A 231 13.04 -9.62 10.38
CA GLN A 231 13.30 -10.16 11.75
C GLN A 231 13.54 -9.10 12.81
N ASN A 232 13.45 -7.83 12.49
CA ASN A 232 13.67 -6.78 13.48
C ASN A 232 12.54 -6.81 14.54
N GLY A 233 11.33 -7.16 14.12
CA GLY A 233 10.29 -7.53 15.08
C GLY A 233 9.83 -6.39 15.95
N GLN A 234 9.78 -6.63 17.27
CA GLN A 234 9.21 -5.64 18.19
C GLN A 234 10.05 -4.37 18.35
N ALA A 235 11.24 -4.34 17.72
CA ALA A 235 12.02 -3.15 17.66
C ALA A 235 11.55 -2.13 16.61
N ASN A 236 10.66 -2.55 15.73
CA ASN A 236 10.19 -1.67 14.68
C ASN A 236 9.44 -0.48 15.26
N PHE A 237 9.46 0.67 14.55
CA PHE A 237 8.67 1.84 14.93
C PHE A 237 8.40 2.68 13.71
N VAL A 238 7.23 3.32 13.72
CA VAL A 238 6.83 4.23 12.61
C VAL A 238 7.31 5.68 12.81
N GLU A 239 7.82 6.26 11.73
CA GLU A 239 8.24 7.65 11.72
C GLU A 239 7.42 8.39 10.67
N MET A 240 7.22 9.68 10.91
CA MET A 240 6.52 10.54 9.91
C MET A 240 7.52 11.61 9.47
N ARG A 241 7.30 12.09 8.26
CA ARG A 241 8.02 13.20 7.68
C ARG A 241 7.02 14.15 7.02
N TYR A 242 7.41 15.40 6.98
CA TYR A 242 6.63 16.47 6.34
C TYR A 242 7.25 17.04 5.06
N SER A 243 6.42 17.48 4.11
CA SER A 243 6.92 18.07 2.88
C SER A 243 5.88 19.11 2.38
N ASP A 244 6.36 20.27 1.91
CA ASP A 244 5.44 21.20 1.29
C ASP A 244 4.85 20.76 -0.02
N ASP A 245 5.56 19.87 -0.75
CA ASP A 245 5.19 19.55 -2.12
C ASP A 245 5.13 18.07 -2.42
N GLY A 246 5.53 17.25 -1.51
CA GLY A 246 5.57 15.82 -1.75
C GLY A 246 6.88 15.27 -2.34
N ILE A 247 7.80 16.17 -2.61
CA ILE A 247 9.06 15.91 -3.33
C ILE A 247 10.27 16.00 -2.37
N THR A 248 10.39 17.11 -1.63
CA THR A 248 11.48 17.29 -0.69
C THR A 248 10.96 17.18 0.72
N TRP A 249 11.60 16.35 1.54
CA TRP A 249 11.01 15.96 2.83
C TRP A 249 11.92 16.34 3.97
N GLY A 250 11.31 16.66 5.08
CA GLY A 250 12.03 16.97 6.32
C GLY A 250 12.52 15.80 7.08
N GLU A 251 13.08 16.10 8.26
CA GLU A 251 13.70 15.04 9.11
C GLU A 251 12.54 14.25 9.74
N PRO A 252 12.76 12.94 9.96
CA PRO A 252 11.69 12.11 10.54
C PRO A 252 11.51 12.36 11.98
N VAL A 253 10.30 12.23 12.46
CA VAL A 253 10.06 12.07 13.92
C VAL A 253 9.13 10.92 14.19
N ARG A 254 9.29 10.32 15.34
CA ARG A 254 8.48 9.19 15.70
C ARG A 254 7.07 9.61 15.97
N VAL A 255 6.11 8.81 15.48
CA VAL A 255 4.71 8.89 15.90
C VAL A 255 4.64 8.28 17.28
N ASN A 256 3.56 8.62 17.94
CA ASN A 256 3.25 8.12 19.30
C ASN A 256 1.97 7.28 19.32
N GLY A 257 1.96 6.22 20.12
CA GLY A 257 0.78 5.49 20.39
C GLY A 257 0.24 4.67 19.16
N PHE A 258 1.09 4.37 18.19
CA PHE A 258 0.61 3.86 16.90
C PHE A 258 -0.21 2.64 17.02
N LEU A 259 0.26 1.66 17.82
CA LEU A 259 -0.43 0.43 18.06
C LEU A 259 -0.44 0.16 19.56
N GLY A 260 -1.43 -0.61 19.95
CA GLY A 260 -1.58 -0.97 21.35
C GLY A 260 -1.46 -2.44 21.65
N LEU A 261 -2.32 -2.93 22.57
CA LEU A 261 -2.31 -4.30 22.99
C LEU A 261 -3.36 -5.10 22.22
N ASP A 262 -3.04 -6.34 21.98
CA ASP A 262 -3.97 -7.30 21.35
C ASP A 262 -4.88 -7.96 22.41
N GLU A 263 -5.66 -8.92 21.96
CA GLU A 263 -6.61 -9.57 22.87
C GLU A 263 -5.97 -10.35 23.96
N ASN A 264 -4.68 -10.70 23.84
CA ASN A 264 -3.93 -11.31 24.98
C ASN A 264 -3.15 -10.32 25.85
N GLY A 265 -3.38 -9.02 25.67
CA GLY A 265 -2.65 -7.97 26.31
C GLY A 265 -1.19 -7.89 25.86
N GLN A 266 -0.89 -8.30 24.62
CA GLN A 266 0.49 -8.30 24.10
C GLN A 266 0.65 -7.10 23.14
N GLN A 267 1.75 -6.37 23.28
CA GLN A 267 2.02 -5.24 22.41
C GLN A 267 2.19 -5.65 20.94
N LEU A 268 1.55 -4.87 20.06
CA LEU A 268 1.70 -5.08 18.61
C LEU A 268 2.77 -4.12 18.01
N ALA A 269 3.50 -4.67 17.03
CA ALA A 269 4.50 -3.94 16.29
C ALA A 269 4.11 -3.76 14.84
N PRO A 270 4.55 -2.66 14.23
CA PRO A 270 4.16 -2.41 12.86
C PRO A 270 5.04 -3.20 11.87
N TRP A 271 4.42 -3.59 10.74
CA TRP A 271 5.19 -4.02 9.58
C TRP A 271 4.98 -3.10 8.38
N HIS A 272 3.74 -3.00 7.89
CA HIS A 272 3.42 -2.16 6.71
C HIS A 272 2.10 -1.47 7.08
N GLN A 273 1.76 -0.41 6.35
CA GLN A 273 0.60 0.44 6.71
C GLN A 273 0.13 1.28 5.55
N ASP A 274 -1.14 1.71 5.67
CA ASP A 274 -1.75 2.70 4.78
C ASP A 274 -2.48 3.69 5.67
N VAL A 275 -2.39 4.97 5.38
CA VAL A 275 -3.08 6.04 6.14
C VAL A 275 -3.99 6.82 5.18
N GLN A 276 -5.16 7.24 5.67
CA GLN A 276 -6.04 8.19 4.97
C GLN A 276 -6.44 9.29 5.92
N TYR A 277 -6.64 10.52 5.43
CA TYR A 277 -7.42 11.47 6.20
C TYR A 277 -8.85 11.28 5.79
N VAL A 278 -9.75 11.16 6.76
CA VAL A 278 -11.16 10.90 6.49
C VAL A 278 -11.97 12.13 6.91
N PRO A 279 -12.38 12.97 5.95
CA PRO A 279 -13.10 14.21 6.38
C PRO A 279 -14.34 13.97 7.18
N ASP A 280 -15.10 12.94 6.83
CA ASP A 280 -16.36 12.70 7.55
C ASP A 280 -16.13 12.38 9.02
N LEU A 281 -14.97 11.80 9.40
CA LEU A 281 -14.64 11.47 10.77
C LEU A 281 -13.75 12.52 11.47
N LYS A 282 -13.29 13.49 10.70
CA LYS A 282 -12.40 14.55 11.19
C LYS A 282 -11.14 13.99 11.81
N GLU A 283 -10.60 12.93 11.19
CA GLU A 283 -9.42 12.27 11.76
C GLU A 283 -8.67 11.47 10.70
N PHE A 284 -7.40 11.24 10.99
CA PHE A 284 -6.62 10.29 10.21
C PHE A 284 -6.92 8.86 10.70
N VAL A 285 -6.95 7.91 9.76
CA VAL A 285 -7.26 6.50 10.01
C VAL A 285 -6.19 5.65 9.32
N CYS A 286 -5.68 4.64 10.01
CA CYS A 286 -4.60 3.79 9.45
C CYS A 286 -5.02 2.35 9.62
N ILE A 287 -4.82 1.60 8.54
CA ILE A 287 -4.85 0.14 8.63
C ILE A 287 -3.40 -0.31 8.64
N SER A 288 -3.05 -0.91 9.77
CA SER A 288 -1.72 -1.43 10.04
C SER A 288 -1.66 -2.93 9.92
N GLN A 289 -0.71 -3.43 9.08
CA GLN A 289 -0.34 -4.84 9.06
C GLN A 289 0.67 -4.96 10.16
N CYS A 290 0.31 -5.72 11.21
CA CYS A 290 1.09 -5.74 12.45
C CYS A 290 1.13 -7.10 13.07
N PHE A 291 1.91 -7.20 14.14
CA PHE A 291 2.14 -8.55 14.74
C PHE A 291 2.58 -8.43 16.19
N ALA A 292 2.33 -9.49 16.94
CA ALA A 292 2.76 -9.59 18.31
C ALA A 292 3.99 -10.43 18.53
N GLY A 293 4.37 -11.27 17.61
CA GLY A 293 5.63 -12.05 17.95
C GLY A 293 6.93 -11.44 17.45
N ARG A 294 7.84 -12.31 17.07
CA ARG A 294 9.15 -11.93 16.60
C ARG A 294 9.23 -11.38 15.20
N ASN A 295 8.22 -11.69 14.36
CA ASN A 295 8.23 -11.22 13.00
C ASN A 295 6.78 -11.24 12.44
N PRO A 296 6.60 -10.72 11.23
CA PRO A 296 5.26 -10.62 10.64
C PRO A 296 4.64 -11.91 10.19
N ASP A 297 5.25 -13.06 10.43
CA ASP A 297 4.53 -14.26 10.08
C ASP A 297 3.20 -14.35 10.82
N GLY A 298 2.10 -14.72 10.14
CA GLY A 298 0.78 -14.70 10.75
C GLY A 298 0.22 -13.34 11.04
N SER A 299 0.78 -12.33 10.37
CA SER A 299 0.35 -10.93 10.65
C SER A 299 -1.14 -10.77 10.37
N VAL A 300 -1.69 -9.84 11.12
CA VAL A 300 -3.09 -9.39 11.06
C VAL A 300 -3.16 -7.89 10.74
N LEU A 301 -4.36 -7.40 10.46
CA LEU A 301 -4.57 -5.94 10.38
C LEU A 301 -5.19 -5.45 11.69
N HIS A 302 -4.75 -4.26 12.14
CA HIS A 302 -5.47 -3.54 13.21
C HIS A 302 -5.72 -2.13 12.70
N LEU A 303 -6.72 -1.49 13.31
CA LEU A 303 -7.09 -0.16 12.96
C LEU A 303 -6.59 0.79 14.03
N THR A 304 -6.10 1.96 13.62
CA THR A 304 -5.64 2.97 14.53
C THR A 304 -6.00 4.35 14.01
N THR A 305 -6.31 5.31 14.89
CA THR A 305 -6.77 6.60 14.48
C THR A 305 -6.04 7.74 15.20
N SER A 306 -6.10 8.90 14.60
CA SER A 306 -5.42 10.08 15.17
C SER A 306 -6.04 11.36 14.71
N LYS A 307 -6.09 12.36 15.61
CA LYS A 307 -6.56 13.67 15.22
C LYS A 307 -5.58 14.46 14.40
N ASP A 308 -4.28 14.20 14.56
CA ASP A 308 -3.20 15.05 14.10
C ASP A 308 -2.17 14.39 13.22
N GLY A 309 -2.25 13.05 13.06
CA GLY A 309 -1.28 12.27 12.37
C GLY A 309 -0.05 11.80 13.14
N VAL A 310 0.13 12.42 14.28
CA VAL A 310 1.21 12.24 15.21
C VAL A 310 0.99 11.30 16.34
N ASN A 311 -0.12 11.55 16.99
CA ASN A 311 -0.51 10.83 18.24
C ASN A 311 -1.73 9.97 17.97
N TRP A 312 -1.53 8.67 18.11
CA TRP A 312 -2.49 7.64 17.67
C TRP A 312 -3.08 6.90 18.84
N GLU A 313 -4.14 6.20 18.55
CA GLU A 313 -4.76 5.21 19.46
C GLU A 313 -5.42 4.12 18.67
N GLN A 314 -4.97 2.91 18.94
CA GLN A 314 -5.58 1.73 18.35
C GLN A 314 -7.04 1.63 18.73
N VAL A 315 -7.87 1.17 17.80
CA VAL A 315 -9.31 0.95 18.08
C VAL A 315 -9.51 -0.46 18.58
N GLY A 316 -9.84 -0.58 19.85
CA GLY A 316 -10.01 -1.91 20.46
C GLY A 316 -8.78 -2.76 20.58
N THR A 317 -8.99 -4.02 20.98
CA THR A 317 -7.93 -4.96 21.06
C THR A 317 -8.00 -5.97 19.96
N LYS A 318 -9.14 -6.01 19.26
CA LYS A 318 -9.38 -7.08 18.30
C LYS A 318 -8.85 -6.73 16.90
N PRO A 319 -8.46 -7.74 16.13
CA PRO A 319 -7.92 -7.49 14.77
C PRO A 319 -9.08 -7.03 13.85
N LEU A 320 -8.76 -6.13 12.96
CA LEU A 320 -9.64 -5.79 11.86
C LEU A 320 -9.78 -6.91 10.88
N LEU A 321 -8.72 -7.62 10.57
CA LEU A 321 -8.79 -8.71 9.55
C LEU A 321 -7.71 -9.74 9.92
N SER A 322 -7.99 -11.01 9.75
CA SER A 322 -7.08 -12.05 10.17
C SER A 322 -6.97 -13.08 9.00
N PRO A 323 -5.90 -13.90 9.01
CA PRO A 323 -5.81 -15.00 8.01
C PRO A 323 -7.00 -15.91 8.01
N GLY A 324 -7.39 -16.37 6.83
CA GLY A 324 -8.48 -17.31 6.71
C GLY A 324 -8.09 -18.69 7.14
N PRO A 325 -9.05 -19.60 7.09
CA PRO A 325 -8.84 -21.01 7.55
C PRO A 325 -7.85 -21.74 6.71
N ASP A 326 -7.19 -22.74 7.30
CA ASP A 326 -6.23 -23.54 6.55
C ASP A 326 -6.74 -23.90 5.17
N GLY A 327 -5.88 -23.74 4.14
CA GLY A 327 -6.16 -24.03 2.80
C GLY A 327 -6.76 -22.89 1.97
N SER A 328 -7.13 -21.77 2.61
CA SER A 328 -7.63 -20.61 1.88
CA SER A 328 -7.64 -20.64 1.85
C SER A 328 -6.49 -19.76 1.32
N TRP A 329 -6.79 -18.91 0.34
CA TRP A 329 -5.76 -18.15 -0.32
C TRP A 329 -5.07 -17.12 0.63
N ASP A 330 -5.73 -16.82 1.73
CA ASP A 330 -5.20 -15.83 2.72
C ASP A 330 -4.92 -16.53 4.07
N ASP A 331 -4.52 -17.79 4.06
CA ASP A 331 -4.35 -18.51 5.30
C ASP A 331 -3.02 -18.34 6.01
N PHE A 332 -1.97 -17.72 5.38
CA PHE A 332 -0.69 -17.56 6.09
C PHE A 332 -0.59 -16.26 6.85
N GLN A 333 -0.92 -15.18 6.17
CA GLN A 333 -0.83 -13.85 6.78
C GLN A 333 -1.66 -12.86 5.98
N ILE A 334 -2.19 -11.82 6.67
CA ILE A 334 -2.70 -10.69 5.94
C ILE A 334 -1.54 -9.73 5.74
N TYR A 335 -1.37 -9.27 4.53
CA TYR A 335 -0.28 -8.40 4.09
C TYR A 335 -0.78 -6.96 3.95
N ARG A 336 0.07 -6.08 3.40
CA ARG A 336 -0.28 -4.66 3.39
C ARG A 336 -1.56 -4.43 2.66
N SER A 337 -2.40 -3.56 3.18
CA SER A 337 -3.76 -3.36 2.68
C SER A 337 -3.98 -1.87 2.48
N SER A 338 -4.88 -1.53 1.56
CA SER A 338 -5.27 -0.14 1.25
C SER A 338 -6.78 0.02 1.39
N PHE A 339 -7.20 1.20 1.76
CA PHE A 339 -8.62 1.41 2.00
C PHE A 339 -9.12 2.77 1.54
N TYR A 340 -10.45 2.80 1.42
CA TYR A 340 -11.16 4.04 1.19
C TYR A 340 -12.39 4.04 2.10
N TYR A 341 -12.52 5.10 2.87
CA TYR A 341 -13.80 5.32 3.63
C TYR A 341 -14.73 6.05 2.66
N GLU A 342 -15.81 5.36 2.34
CA GLU A 342 -16.79 5.88 1.38
C GLU A 342 -17.96 6.53 2.19
N PRO A 343 -18.08 7.85 2.16
CA PRO A 343 -19.15 8.47 2.99
C PRO A 343 -20.50 8.03 2.57
N GLY A 344 -21.34 7.92 3.60
CA GLY A 344 -22.73 7.60 3.44
C GLY A 344 -23.58 8.86 3.19
N SER A 345 -24.89 8.65 3.13
CA SER A 345 -25.81 9.78 3.06
C SER A 345 -25.93 10.55 4.36
N SER A 346 -25.63 9.95 5.51
CA SER A 346 -25.57 10.68 6.75
C SER A 346 -24.16 10.72 7.25
N ALA A 347 -23.87 11.75 8.06
CA ALA A 347 -22.55 11.90 8.68
C ALA A 347 -22.17 10.79 9.61
N GLY A 348 -20.92 10.33 9.51
CA GLY A 348 -20.41 9.29 10.40
C GLY A 348 -20.90 7.93 10.14
N ASP A 349 -21.40 7.66 8.92
CA ASP A 349 -22.05 6.40 8.72
C ASP A 349 -21.63 5.86 7.36
N GLY A 350 -20.34 5.87 7.11
CA GLY A 350 -19.77 5.43 5.83
C GLY A 350 -19.50 3.94 5.76
N THR A 351 -18.83 3.58 4.67
CA THR A 351 -18.51 2.19 4.36
C THR A 351 -16.97 2.08 4.26
N MET A 352 -16.35 1.10 4.95
CA MET A 352 -14.93 0.88 4.88
C MET A 352 -14.76 -0.14 3.74
N ARG A 353 -14.01 0.28 2.73
CA ARG A 353 -13.68 -0.53 1.52
C ARG A 353 -12.17 -0.86 1.60
N VAL A 354 -11.83 -2.13 1.65
CA VAL A 354 -10.46 -2.54 1.91
C VAL A 354 -9.98 -3.48 0.87
N TRP A 355 -8.93 -3.08 0.13
CA TRP A 355 -8.22 -3.96 -0.80
C TRP A 355 -7.04 -4.56 -0.05
N TYR A 356 -7.14 -5.83 0.30
CA TYR A 356 -6.16 -6.48 1.15
C TYR A 356 -5.31 -7.44 0.38
N SER A 357 -4.02 -7.40 0.61
CA SER A 357 -3.16 -8.46 0.11
C SER A 357 -2.97 -9.53 1.16
N ALA A 358 -2.62 -10.72 0.71
CA ALA A 358 -2.43 -11.84 1.61
C ALA A 358 -1.65 -12.95 0.93
N LEU A 359 -1.29 -13.96 1.69
CA LEU A 359 -0.52 -15.12 1.21
C LEU A 359 -1.12 -16.36 1.72
N GLN A 360 -0.99 -17.44 0.89
CA GLN A 360 -1.34 -18.78 1.26
C GLN A 360 -0.07 -19.55 1.55
N LYS A 361 -0.07 -20.34 2.64
CA LYS A 361 1.12 -21.13 3.02
C LYS A 361 1.18 -22.48 2.32
N ASP A 362 2.39 -23.06 2.26
CA ASP A 362 2.55 -24.48 1.94
C ASP A 362 1.98 -24.85 0.60
N THR A 363 2.25 -24.04 -0.41
CA THR A 363 1.58 -24.15 -1.72
C THR A 363 2.35 -24.94 -2.82
N ASN A 364 3.54 -25.39 -2.52
CA ASN A 364 4.41 -25.93 -3.64
C ASN A 364 3.67 -27.09 -4.32
N ASN A 365 3.51 -26.99 -5.60
CA ASN A 365 2.87 -28.03 -6.43
C ASN A 365 1.45 -28.29 -6.07
N LYS A 366 0.77 -27.38 -5.39
CA LYS A 366 -0.58 -27.65 -4.92
C LYS A 366 -1.58 -26.91 -5.77
N MET A 367 -2.79 -27.46 -5.88
CA MET A 367 -3.86 -26.75 -6.52
C MET A 367 -4.35 -25.63 -5.60
N VAL A 368 -4.50 -24.45 -6.18
CA VAL A 368 -4.97 -23.28 -5.47
C VAL A 368 -6.07 -22.58 -6.24
N ALA A 369 -6.74 -21.65 -5.56
CA ALA A 369 -7.93 -20.96 -6.15
C ALA A 369 -7.57 -19.90 -7.16
N ASP A 370 -8.41 -19.81 -8.18
CA ASP A 370 -8.44 -18.66 -9.03
C ASP A 370 -9.27 -17.52 -8.44
N SER A 371 -9.39 -16.42 -9.16
CA SER A 371 -10.00 -15.21 -8.52
C SER A 371 -11.51 -15.40 -8.30
N SER A 372 -12.13 -16.42 -8.98
CA SER A 372 -13.53 -16.77 -8.78
C SER A 372 -13.73 -17.78 -7.65
N GLY A 373 -12.65 -18.19 -6.99
CA GLY A 373 -12.70 -19.13 -5.95
C GLY A 373 -12.75 -20.58 -6.43
N ASN A 374 -12.45 -20.82 -7.71
CA ASN A 374 -12.46 -22.17 -8.26
C ASN A 374 -11.02 -22.77 -8.22
N LEU A 375 -10.92 -24.09 -8.06
CA LEU A 375 -9.65 -24.73 -7.93
C LEU A 375 -9.04 -25.08 -9.25
N THR A 376 -8.50 -24.10 -9.97
CA THR A 376 -8.01 -24.22 -11.35
C THR A 376 -6.54 -23.88 -11.58
N ILE A 377 -5.87 -23.45 -10.53
CA ILE A 377 -4.48 -22.99 -10.65
C ILE A 377 -3.59 -24.00 -9.97
N GLN A 378 -2.58 -24.40 -10.71
CA GLN A 378 -1.54 -25.24 -10.16
C GLN A 378 -0.40 -24.37 -9.63
N ALA A 379 -0.22 -24.25 -8.34
CA ALA A 379 0.96 -23.56 -7.83
C ALA A 379 2.20 -24.39 -8.23
N LYS A 380 3.27 -23.70 -8.55
CA LYS A 380 4.49 -24.34 -9.03
C LYS A 380 5.53 -24.76 -7.97
N SER A 381 6.63 -25.34 -8.48
CA SER A 381 7.60 -25.98 -7.71
C SER A 381 8.23 -25.04 -6.64
N GLU A 382 8.45 -23.83 -7.03
CA GLU A 382 9.16 -22.87 -6.18
C GLU A 382 8.18 -21.86 -5.54
N ASP A 383 6.87 -22.10 -5.73
CA ASP A 383 5.85 -21.34 -5.03
C ASP A 383 5.67 -21.83 -3.58
N ASP A 384 6.58 -21.46 -2.67
CA ASP A 384 6.47 -21.86 -1.30
C ASP A 384 5.20 -21.30 -0.67
N ARG A 385 4.81 -20.11 -1.16
CA ARG A 385 3.55 -19.41 -0.80
C ARG A 385 3.04 -18.76 -2.09
N ILE A 386 1.79 -18.34 -2.09
CA ILE A 386 1.14 -17.64 -3.21
C ILE A 386 0.68 -16.27 -2.72
N TRP A 387 0.94 -15.27 -3.51
CA TRP A 387 0.65 -13.84 -3.19
C TRP A 387 -0.52 -13.38 -4.01
N ARG A 388 -1.58 -12.87 -3.38
CA ARG A 388 -2.73 -12.28 -4.11
C ARG A 388 -3.32 -11.03 -3.39
N ILE A 389 -4.13 -10.30 -4.13
CA ILE A 389 -4.91 -9.15 -3.65
C ILE A 389 -6.36 -9.43 -3.69
N GLY A 390 -7.08 -9.26 -2.54
CA GLY A 390 -8.52 -9.42 -2.49
C GLY A 390 -9.21 -8.21 -1.91
N TYR A 391 -10.42 -8.38 -1.42
CA TYR A 391 -11.24 -7.28 -1.01
C TYR A 391 -12.09 -7.70 0.17
N ALA A 392 -12.31 -6.74 1.05
CA ALA A 392 -13.22 -6.88 2.18
C ALA A 392 -13.93 -5.56 2.44
N GLU A 393 -15.12 -5.60 3.08
CA GLU A 393 -15.90 -4.38 3.26
C GLU A 393 -16.83 -4.53 4.46
N ASN A 394 -17.16 -3.37 5.05
CA ASN A 394 -18.24 -3.32 6.07
C ASN A 394 -18.65 -1.89 6.25
N SER A 395 -19.83 -1.68 6.84
CA SER A 395 -20.23 -0.44 7.42
C SER A 395 -19.17 -0.01 8.44
N PHE A 396 -18.81 1.27 8.49
CA PHE A 396 -17.85 1.73 9.47
C PHE A 396 -18.39 1.46 10.89
N VAL A 397 -19.66 1.74 11.10
CA VAL A 397 -20.25 1.56 12.42
C VAL A 397 -20.24 0.12 12.84
N GLU A 398 -20.64 -0.81 11.96
CA GLU A 398 -20.61 -2.21 12.31
C GLU A 398 -19.17 -2.73 12.60
N MET A 399 -18.20 -2.24 11.82
CA MET A 399 -16.83 -2.59 12.00
C MET A 399 -16.41 -2.14 13.41
N MET A 400 -16.70 -0.87 13.75
CA MET A 400 -16.30 -0.35 15.08
C MET A 400 -16.95 -1.12 16.24
N ARG A 401 -18.16 -1.58 16.02
CA ARG A 401 -18.85 -2.36 17.06
C ARG A 401 -18.11 -3.67 17.36
N VAL A 402 -17.62 -4.33 16.31
CA VAL A 402 -16.84 -5.51 16.44
C VAL A 402 -15.51 -5.23 17.16
N LEU A 403 -14.83 -4.20 16.69
CA LEU A 403 -13.49 -3.90 17.21
C LEU A 403 -13.53 -3.53 18.68
N LEU A 404 -14.56 -2.80 19.06
CA LEU A 404 -14.69 -2.30 20.41
C LEU A 404 -15.45 -3.22 21.34
N ASP A 405 -15.98 -4.30 20.84
CA ASP A 405 -16.94 -5.15 21.54
C ASP A 405 -18.08 -4.36 22.19
N ASP A 406 -18.68 -3.49 21.41
CA ASP A 406 -19.68 -2.56 21.88
C ASP A 406 -20.81 -2.61 20.87
N PRO A 407 -21.86 -3.38 21.17
CA PRO A 407 -22.94 -3.51 20.20
C PRO A 407 -23.72 -2.26 19.96
N GLY A 408 -23.50 -1.22 20.73
CA GLY A 408 -24.22 0.05 20.53
C GLY A 408 -23.43 1.24 20.13
N TYR A 409 -22.16 1.03 19.74
CA TYR A 409 -21.34 2.12 19.27
C TYR A 409 -21.97 2.84 18.10
N THR A 410 -21.93 4.17 18.16
CA THR A 410 -22.12 5.05 17.01
C THR A 410 -21.14 6.15 17.04
N THR A 411 -20.89 6.77 15.90
CA THR A 411 -19.86 7.82 15.88
C THR A 411 -20.39 9.04 16.65
N PRO A 412 -19.54 9.79 17.34
CA PRO A 412 -19.97 10.98 18.13
C PRO A 412 -20.67 12.08 17.34
MN MN B . 6.99 -4.49 1.36
CA CA C . -6.04 23.95 2.71
CA CA D . -2.44 5.10 0.23
C1 GOL E . 10.23 -9.43 -1.32
O1 GOL E . 10.74 -8.21 -0.88
C2 GOL E . 8.95 -9.60 -0.53
O2 GOL E . 9.21 -10.18 0.75
C3 GOL E . 8.39 -8.20 -0.29
O3 GOL E . 7.00 -8.05 -0.38
C1 GOL F . -12.52 -15.02 1.20
O1 GOL F . -11.91 -14.99 -0.06
C2 GOL F . -12.15 -16.31 1.85
O2 GOL F . -12.01 -17.46 1.00
C3 GOL F . -10.78 -16.11 2.34
O3 GOL F . -10.59 -16.87 3.52
C1 GOL G . -1.75 19.62 -2.98
O1 GOL G . -1.81 21.04 -2.86
C2 GOL G . -3.14 19.07 -2.94
O2 GOL G . -3.88 19.61 -4.06
C3 GOL G . -3.07 17.55 -2.92
O3 GOL G . -4.31 17.02 -3.40
#